data_8WHO
#
_entry.id   8WHO
#
_cell.length_a   77.310
_cell.length_b   83.328
_cell.length_c   61.704
_cell.angle_alpha   90.00
_cell.angle_beta   102.51
_cell.angle_gamma   90.00
#
_symmetry.space_group_name_H-M   'C 1 2 1'
#
loop_
_entity.id
_entity.type
_entity.pdbx_description
1 polymer '4-hydroxyphenylpyruvate dioxygenase'
2 non-polymer 'COBALT (II) ION'
3 non-polymer 3-(ethylsulfanylmethyl)-~{N}-(5-methyl-1,3,4-oxadiazol-2-yl)-5-(trifluoromethyl)-[1,2,4]triazolo[4,3-a]pyridine-8-carboxamide
4 water water
#
_entity_poly.entity_id   1
_entity_poly.type   'polypeptide(L)'
_entity_poly.pdbx_seq_one_letter_code
;GSHMVRKNPKSDKFKVKRFHHIEFWCGDATNVARRFSWGLGMRFSAKSDLSTGNMVHASYLLTSGDLRFLFTAPYSPSLS
AGEIKPTTTASIPSFDHGSCRSFFSSHGLGVRAVAIEVEDAESAFSISVANGAIPSSPPIVLNEAVTIAEVKLYGDVVLR
YVSYKAEDTEKSEFLPGFERVEDASSFPLDYGIRRLDHAVGNVPELGPALTYVAGFTGFHQFAEFTADDVGTAESGLNSA
VLASNDEMVLLPINEPVHGTKRKSQIQTYLEHNEGAGLQHLALMSEDIFRTLREMRKRSSIGGFDFMPSPPPTYYQNLKK
RVGDVLSDDQIKECEELGILVDRDDQGTLLQIFTKPLGDRPTIFIEIIQRVGCMMKDEEGKAYQSGGCGGFGKGNFSELF
KSIEEYEKTLEAKQLVG
;
_entity_poly.pdbx_strand_id   A
#
loop_
_chem_comp.id
_chem_comp.type
_chem_comp.name
_chem_comp.formula
CO non-polymer 'COBALT (II) ION' 'Co 2'
WHO non-polymer 3-(ethylsulfanylmethyl)-~{N}-(5-methyl-1,3,4-oxadiazol-2-yl)-5-(trifluoromethyl)-[1,2,4]triazolo[4,3-a]pyridine-8-carboxamide 'C14 H13 F3 N6 O2 S'
#
# COMPACT_ATOMS: atom_id res chain seq x y z
N LYS A 7 19.24 11.54 11.27
CA LYS A 7 19.43 10.40 12.15
C LYS A 7 18.10 9.73 12.51
N ASN A 8 18.19 8.58 13.20
CA ASN A 8 17.03 7.81 13.60
C ASN A 8 16.93 7.82 15.13
N PRO A 9 16.02 8.59 15.72
CA PRO A 9 15.92 8.65 17.19
C PRO A 9 15.36 7.39 17.82
N LYS A 10 14.78 6.49 17.03
CA LYS A 10 14.12 5.28 17.51
C LYS A 10 13.15 5.58 18.65
N SER A 11 12.12 6.38 18.33
CA SER A 11 11.18 6.88 19.32
C SER A 11 9.80 6.22 19.24
N ASP A 12 9.71 5.04 18.63
CA ASP A 12 8.44 4.31 18.57
C ASP A 12 7.83 4.15 19.95
N LYS A 13 6.60 4.63 20.13
CA LYS A 13 5.94 4.54 21.43
C LYS A 13 5.46 3.13 21.75
N PHE A 14 5.47 2.22 20.78
CA PHE A 14 5.25 0.80 21.03
C PHE A 14 6.07 0.01 20.02
N LYS A 15 6.09 -1.31 20.21
CA LYS A 15 6.90 -2.19 19.38
C LYS A 15 6.14 -2.56 18.11
N VAL A 16 6.62 -2.05 16.97
CA VAL A 16 6.09 -2.33 15.64
C VAL A 16 7.00 -3.35 14.98
N LYS A 17 6.41 -4.38 14.36
CA LYS A 17 7.22 -5.40 13.71
C LYS A 17 7.32 -5.18 12.20
N ARG A 18 6.23 -5.35 11.45
CA ARG A 18 6.28 -5.07 10.02
C ARG A 18 4.88 -4.80 9.49
N PHE A 19 4.83 -4.39 8.22
CA PHE A 19 3.57 -4.33 7.50
C PHE A 19 2.93 -5.71 7.51
N HIS A 20 1.63 -5.77 7.84
CA HIS A 20 0.95 -7.06 7.88
C HIS A 20 0.02 -7.26 6.68
N HIS A 21 -0.93 -6.35 6.47
CA HIS A 21 -1.77 -6.45 5.28
C HIS A 21 -2.36 -5.10 4.94
N ILE A 22 -2.97 -5.04 3.76
CA ILE A 22 -3.70 -3.88 3.26
C ILE A 22 -5.11 -4.37 2.97
N GLU A 23 -6.13 -3.64 3.45
CA GLU A 23 -7.51 -4.05 3.16
C GLU A 23 -8.21 -3.05 2.25
N PHE A 24 -8.75 -3.55 1.14
CA PHE A 24 -9.57 -2.77 0.23
C PHE A 24 -11.02 -2.96 0.62
N TRP A 25 -11.79 -1.87 0.63
CA TRP A 25 -13.24 -1.95 0.70
C TRP A 25 -13.82 -1.77 -0.70
N CYS A 26 -14.67 -2.71 -1.10
CA CYS A 26 -15.11 -2.88 -2.48
C CYS A 26 -16.61 -2.93 -2.51
N GLY A 27 -17.17 -2.84 -3.71
CA GLY A 27 -18.56 -3.17 -3.90
C GLY A 27 -18.79 -4.64 -4.05
N ASP A 28 -17.94 -5.27 -4.86
CA ASP A 28 -17.94 -6.71 -5.07
C ASP A 28 -16.50 -7.18 -4.86
N ALA A 29 -16.25 -7.89 -3.75
CA ALA A 29 -14.87 -8.33 -3.47
C ALA A 29 -14.40 -9.39 -4.46
N THR A 30 -15.30 -10.25 -4.91
CA THR A 30 -14.94 -11.31 -5.86
C THR A 30 -14.24 -10.75 -7.09
N ASN A 31 -14.87 -9.77 -7.74
CA ASN A 31 -14.37 -9.33 -9.04
C ASN A 31 -13.10 -8.51 -8.91
N VAL A 32 -12.99 -7.69 -7.86
CA VAL A 32 -11.74 -6.98 -7.63
C VAL A 32 -10.62 -7.94 -7.32
N ALA A 33 -10.89 -8.92 -6.44
CA ALA A 33 -9.81 -9.83 -6.05
C ALA A 33 -9.38 -10.71 -7.22
N ARG A 34 -10.31 -11.13 -8.06
CA ARG A 34 -9.91 -11.92 -9.23
C ARG A 34 -9.06 -11.09 -10.18
N ARG A 35 -9.43 -9.82 -10.39
CA ARG A 35 -8.64 -8.95 -11.27
C ARG A 35 -7.25 -8.70 -10.70
N PHE A 36 -7.16 -8.37 -9.40
CA PHE A 36 -5.85 -8.11 -8.79
C PHE A 36 -4.95 -9.35 -8.81
N SER A 37 -5.55 -10.51 -8.54
CA SER A 37 -4.79 -11.77 -8.53
C SER A 37 -4.09 -12.00 -9.86
N TRP A 38 -4.84 -11.86 -10.95
CA TRP A 38 -4.29 -12.09 -12.28
C TRP A 38 -3.35 -10.97 -12.70
N GLY A 39 -3.68 -9.73 -12.34
CA GLY A 39 -2.89 -8.59 -12.77
C GLY A 39 -1.56 -8.48 -12.08
N LEU A 40 -1.49 -8.87 -10.79
CA LEU A 40 -0.30 -8.72 -9.97
C LEU A 40 0.42 -10.02 -9.66
N GLY A 41 -0.20 -11.17 -9.96
CA GLY A 41 0.38 -12.48 -9.68
C GLY A 41 0.35 -12.82 -8.20
N MET A 42 -0.83 -12.70 -7.61
CA MET A 42 -1.02 -12.96 -6.20
C MET A 42 -1.93 -14.18 -6.06
N ARG A 43 -1.58 -15.05 -5.14
CA ARG A 43 -2.30 -16.30 -4.98
C ARG A 43 -3.47 -16.09 -4.01
N PHE A 44 -4.60 -16.72 -4.33
CA PHE A 44 -5.77 -16.73 -3.44
C PHE A 44 -5.49 -17.68 -2.28
N SER A 45 -5.30 -17.15 -1.06
CA SER A 45 -4.81 -17.98 0.03
C SER A 45 -5.75 -18.15 1.22
N ALA A 46 -6.71 -17.25 1.43
CA ALA A 46 -7.68 -17.42 2.52
C ALA A 46 -8.99 -16.75 2.15
N LYS A 47 -10.09 -17.25 2.74
CA LYS A 47 -11.40 -16.64 2.52
C LYS A 47 -12.22 -16.64 3.80
N SER A 48 -13.15 -15.68 3.86
CA SER A 48 -14.16 -15.60 4.90
C SER A 48 -15.41 -15.06 4.21
N ASP A 49 -16.44 -15.89 4.08
CA ASP A 49 -17.64 -15.52 3.33
C ASP A 49 -18.75 -16.47 3.72
N LEU A 50 -19.84 -16.46 2.94
CA LEU A 50 -20.98 -17.34 3.24
C LEU A 50 -20.56 -18.78 3.40
N SER A 51 -19.61 -19.26 2.58
CA SER A 51 -19.21 -20.66 2.63
C SER A 51 -18.46 -20.99 3.91
N THR A 52 -17.92 -19.99 4.62
CA THR A 52 -17.28 -20.23 5.91
C THR A 52 -18.17 -19.85 7.09
N GLY A 53 -19.41 -19.43 6.84
CA GLY A 53 -20.32 -19.09 7.90
C GLY A 53 -20.40 -17.61 8.21
N ASN A 54 -19.66 -16.77 7.47
CA ASN A 54 -19.74 -15.33 7.63
C ASN A 54 -20.97 -14.82 6.88
N MET A 55 -21.98 -14.35 7.62
CA MET A 55 -23.20 -13.80 7.05
C MET A 55 -23.14 -12.30 6.81
N VAL A 56 -22.02 -11.66 7.14
CA VAL A 56 -21.92 -10.21 7.20
C VAL A 56 -21.11 -9.65 6.03
N HIS A 57 -19.92 -10.17 5.81
CA HIS A 57 -19.07 -9.64 4.75
C HIS A 57 -18.36 -10.76 4.03
N ALA A 58 -17.99 -10.48 2.79
CA ALA A 58 -17.17 -11.36 1.98
C ALA A 58 -15.76 -10.81 1.96
N SER A 59 -14.78 -11.64 2.36
CA SER A 59 -13.39 -11.21 2.46
C SER A 59 -12.49 -12.26 1.82
N TYR A 60 -11.68 -11.82 0.85
CA TYR A 60 -10.75 -12.72 0.16
C TYR A 60 -9.34 -12.17 0.27
N LEU A 61 -8.41 -13.03 0.65
CA LEU A 61 -7.03 -12.64 0.87
C LEU A 61 -6.17 -13.18 -0.26
N LEU A 62 -5.38 -12.29 -0.87
CA LEU A 62 -4.39 -12.64 -1.87
C LEU A 62 -3.02 -12.50 -1.23
N THR A 63 -2.06 -13.37 -1.61
CA THR A 63 -0.72 -13.25 -1.06
C THR A 63 0.32 -13.42 -2.16
N SER A 64 1.43 -12.70 -2.00
CA SER A 64 2.63 -12.91 -2.81
C SER A 64 3.81 -12.61 -1.91
N GLY A 65 4.63 -13.63 -1.62
CA GLY A 65 5.68 -13.44 -0.62
C GLY A 65 5.04 -13.07 0.72
N ASP A 66 5.52 -11.98 1.32
CA ASP A 66 4.93 -11.46 2.55
C ASP A 66 3.79 -10.48 2.30
N LEU A 67 3.54 -10.08 1.05
CA LEU A 67 2.48 -9.11 0.77
C LEU A 67 1.10 -9.77 0.91
N ARG A 68 0.20 -9.09 1.63
CA ARG A 68 -1.16 -9.58 1.81
C ARG A 68 -2.11 -8.47 1.43
N PHE A 69 -2.97 -8.75 0.43
CA PHE A 69 -4.06 -7.87 0.00
C PHE A 69 -5.38 -8.52 0.39
N LEU A 70 -6.18 -7.83 1.18
CA LEU A 70 -7.50 -8.29 1.60
C LEU A 70 -8.56 -7.49 0.87
N PHE A 71 -9.58 -8.18 0.33
CA PHE A 71 -10.68 -7.54 -0.40
C PHE A 71 -11.99 -7.88 0.30
N THR A 72 -12.71 -6.87 0.75
CA THR A 72 -13.91 -7.05 1.57
C THR A 72 -15.05 -6.24 1.01
N ALA A 73 -16.24 -6.86 0.92
CA ALA A 73 -17.48 -6.21 0.56
C ALA A 73 -18.59 -6.67 1.51
N PRO A 74 -19.62 -5.86 1.69
CA PRO A 74 -20.75 -6.27 2.56
C PRO A 74 -21.81 -7.09 1.83
N TYR A 75 -22.36 -8.08 2.53
CA TYR A 75 -23.60 -8.72 2.08
C TYR A 75 -24.80 -7.82 2.38
N SER A 76 -25.98 -8.25 1.96
CA SER A 76 -27.19 -7.56 2.40
C SER A 76 -27.26 -7.58 3.93
N PRO A 77 -27.54 -6.45 4.57
CA PRO A 77 -27.71 -6.48 6.04
C PRO A 77 -28.81 -7.42 6.51
N SER A 78 -29.77 -7.78 5.64
CA SER A 78 -30.83 -8.68 6.06
C SER A 78 -30.30 -10.05 6.46
N LEU A 79 -29.13 -10.45 5.95
CA LEU A 79 -28.61 -11.78 6.26
C LEU A 79 -28.20 -11.92 7.72
N SER A 80 -27.84 -10.81 8.36
CA SER A 80 -27.35 -10.83 9.74
C SER A 80 -28.22 -9.96 10.64
N ALA A 81 -29.48 -9.76 10.27
CA ALA A 81 -30.35 -8.83 11.01
C ALA A 81 -30.57 -9.29 12.45
N GLY A 82 -30.46 -10.59 12.70
CA GLY A 82 -30.60 -11.10 14.06
C GLY A 82 -29.34 -11.13 14.87
N GLU A 83 -28.20 -10.77 14.29
CA GLU A 83 -26.96 -10.80 15.04
C GLU A 83 -26.80 -9.52 15.87
N ILE A 84 -26.06 -9.66 16.95
CA ILE A 84 -25.52 -8.53 17.69
C ILE A 84 -24.02 -8.74 17.71
N LYS A 85 -23.27 -7.70 18.10
CA LYS A 85 -21.82 -7.85 18.10
C LYS A 85 -21.36 -9.06 18.92
N PRO A 86 -21.92 -9.33 20.10
CA PRO A 86 -21.54 -10.57 20.81
C PRO A 86 -21.80 -11.86 20.05
N THR A 87 -22.75 -11.89 19.11
CA THR A 87 -23.09 -13.12 18.37
C THR A 87 -22.72 -13.04 16.89
N THR A 88 -21.82 -12.15 16.50
CA THR A 88 -21.66 -11.88 15.08
C THR A 88 -20.96 -13.04 14.37
N THR A 89 -21.31 -13.23 13.10
CA THR A 89 -20.58 -14.16 12.26
C THR A 89 -19.44 -13.48 11.48
N ALA A 90 -19.27 -12.16 11.64
CA ALA A 90 -18.18 -11.47 10.96
C ALA A 90 -16.84 -11.94 11.48
N SER A 91 -15.90 -12.16 10.56
CA SER A 91 -14.55 -12.52 10.96
C SER A 91 -13.70 -11.31 11.29
N ILE A 92 -14.10 -10.13 10.79
CA ILE A 92 -13.45 -8.88 11.14
C ILE A 92 -14.46 -8.02 11.89
N PRO A 93 -14.50 -8.13 13.23
CA PRO A 93 -15.59 -7.49 13.98
C PRO A 93 -15.58 -5.97 13.92
N SER A 94 -14.51 -5.34 13.44
CA SER A 94 -14.57 -3.89 13.18
C SER A 94 -15.43 -3.54 11.96
N PHE A 95 -15.83 -4.52 11.16
CA PHE A 95 -16.60 -4.22 9.96
C PHE A 95 -18.01 -3.72 10.31
N ASP A 96 -18.50 -2.78 9.51
CA ASP A 96 -19.85 -2.24 9.65
C ASP A 96 -20.43 -2.02 8.26
N HIS A 97 -21.65 -2.51 8.01
CA HIS A 97 -22.27 -2.41 6.69
C HIS A 97 -22.35 -0.95 6.25
N GLY A 98 -22.86 -0.08 7.12
CA GLY A 98 -23.07 1.30 6.72
C GLY A 98 -21.75 2.04 6.52
N SER A 99 -20.77 1.79 7.39
CA SER A 99 -19.45 2.36 7.20
C SER A 99 -18.87 1.95 5.86
N CYS A 100 -19.03 0.68 5.49
CA CYS A 100 -18.44 0.19 4.24
C CYS A 100 -19.14 0.81 3.03
N ARG A 101 -20.48 0.85 3.05
CA ARG A 101 -21.21 1.46 1.94
C ARG A 101 -20.90 2.95 1.85
N SER A 102 -20.79 3.64 2.99
CA SER A 102 -20.49 5.07 2.95
C SER A 102 -19.08 5.33 2.41
N PHE A 103 -18.10 4.56 2.88
CA PHE A 103 -16.74 4.64 2.35
C PHE A 103 -16.73 4.48 0.83
N PHE A 104 -17.33 3.41 0.33
CA PHE A 104 -17.25 3.13 -1.09
C PHE A 104 -18.05 4.13 -1.91
N SER A 105 -19.24 4.51 -1.44
CA SER A 105 -20.00 5.50 -2.19
C SER A 105 -19.26 6.83 -2.25
N SER A 106 -18.51 7.18 -1.20
CA SER A 106 -17.79 8.44 -1.20
C SER A 106 -16.47 8.37 -1.98
N HIS A 107 -15.71 7.28 -1.83
CA HIS A 107 -14.36 7.22 -2.39
C HIS A 107 -14.23 6.30 -3.59
N GLY A 108 -15.19 5.41 -3.81
CA GLY A 108 -14.95 4.35 -4.79
C GLY A 108 -13.94 3.37 -4.20
N LEU A 109 -13.41 2.51 -5.08
CA LEU A 109 -12.51 1.45 -4.63
C LEU A 109 -11.23 2.02 -4.04
N GLY A 110 -10.87 1.55 -2.85
CA GLY A 110 -9.73 2.14 -2.17
C GLY A 110 -9.35 1.38 -0.93
N VAL A 111 -8.23 1.79 -0.36
CA VAL A 111 -7.72 1.15 0.85
C VAL A 111 -8.47 1.71 2.05
N ARG A 112 -9.08 0.81 2.82
CA ARG A 112 -9.66 1.16 4.11
C ARG A 112 -8.67 1.03 5.26
N ALA A 113 -7.83 -0.01 5.26
CA ALA A 113 -6.94 -0.29 6.38
C ALA A 113 -5.52 -0.53 5.93
N VAL A 114 -4.59 0.20 6.55
CA VAL A 114 -3.17 -0.08 6.52
C VAL A 114 -2.85 -0.81 7.82
N ALA A 115 -2.50 -2.10 7.73
CA ALA A 115 -2.37 -2.94 8.91
C ALA A 115 -0.91 -3.24 9.18
N ILE A 116 -0.48 -3.02 10.42
CA ILE A 116 0.89 -3.34 10.83
C ILE A 116 0.85 -4.36 11.97
N GLU A 117 1.83 -5.25 11.98
CA GLU A 117 1.94 -6.22 13.05
C GLU A 117 2.74 -5.63 14.20
N VAL A 118 2.21 -5.75 15.40
CA VAL A 118 2.86 -5.24 16.60
C VAL A 118 3.04 -6.39 17.60
N GLU A 119 3.77 -6.11 18.68
CA GLU A 119 3.94 -7.15 19.68
C GLU A 119 2.65 -7.35 20.47
N ASP A 120 1.95 -6.27 20.77
CA ASP A 120 0.69 -6.37 21.50
C ASP A 120 -0.25 -5.29 21.00
N ALA A 121 -1.33 -5.72 20.32
CA ALA A 121 -2.27 -4.78 19.70
C ALA A 121 -3.06 -3.97 20.74
N GLU A 122 -3.38 -4.56 21.89
CA GLU A 122 -4.11 -3.80 22.91
C GLU A 122 -3.25 -2.68 23.49
N SER A 123 -1.99 -2.96 23.79
CA SER A 123 -1.11 -1.91 24.28
C SER A 123 -0.94 -0.82 23.24
N ALA A 124 -0.66 -1.22 21.98
CA ALA A 124 -0.43 -0.24 20.93
C ALA A 124 -1.63 0.68 20.76
N PHE A 125 -2.84 0.14 20.92
CA PHE A 125 -4.04 0.96 20.84
C PHE A 125 -4.13 1.93 22.03
N SER A 126 -3.96 1.40 23.25
CA SER A 126 -4.01 2.26 24.43
C SER A 126 -2.97 3.36 24.36
N ILE A 127 -1.71 2.99 24.09
CA ILE A 127 -0.63 3.97 24.00
C ILE A 127 -0.92 4.99 22.89
N SER A 128 -1.50 4.54 21.77
CA SER A 128 -1.80 5.47 20.68
C SER A 128 -2.88 6.47 21.06
N VAL A 129 -4.01 5.97 21.55
CA VAL A 129 -5.10 6.87 21.94
C VAL A 129 -4.65 7.78 23.07
N ALA A 130 -3.88 7.25 24.02
CA ALA A 130 -3.36 8.13 25.06
C ALA A 130 -2.52 9.25 24.45
N ASN A 131 -1.79 8.94 23.37
CA ASN A 131 -0.93 9.91 22.74
C ASN A 131 -1.62 10.70 21.61
N GLY A 132 -2.95 10.66 21.54
CA GLY A 132 -3.72 11.50 20.63
C GLY A 132 -4.41 10.80 19.46
N ALA A 133 -4.30 9.48 19.33
CA ALA A 133 -4.92 8.81 18.19
C ALA A 133 -6.44 8.79 18.33
N ILE A 134 -7.13 9.03 17.22
CA ILE A 134 -8.60 8.97 17.21
C ILE A 134 -9.00 7.51 17.07
N PRO A 135 -9.65 6.93 18.07
CA PRO A 135 -9.97 5.51 18.02
C PRO A 135 -11.03 5.23 16.96
N SER A 136 -10.88 4.09 16.30
CA SER A 136 -11.86 3.61 15.33
C SER A 136 -12.53 2.33 15.79
N SER A 137 -11.76 1.36 16.22
CA SER A 137 -12.32 0.13 16.73
C SER A 137 -11.44 -0.31 17.90
N PRO A 138 -12.02 -0.51 19.08
CA PRO A 138 -11.21 -0.89 20.24
C PRO A 138 -10.60 -2.26 20.04
N PRO A 139 -9.63 -2.63 20.86
CA PRO A 139 -9.01 -3.96 20.69
C PRO A 139 -10.05 -5.06 20.86
N ILE A 140 -10.05 -6.00 19.93
CA ILE A 140 -10.90 -7.17 20.01
C ILE A 140 -10.01 -8.40 19.87
N VAL A 141 -10.22 -9.38 20.74
CA VAL A 141 -9.43 -10.60 20.72
C VAL A 141 -10.21 -11.68 19.99
N LEU A 142 -9.59 -12.25 18.97
CA LEU A 142 -10.24 -13.25 18.12
C LEU A 142 -9.75 -14.63 18.54
N ASN A 143 -10.67 -15.46 19.03
CA ASN A 143 -10.38 -16.86 19.35
C ASN A 143 -9.22 -17.00 20.34
N GLU A 144 -9.04 -15.99 21.20
CA GLU A 144 -7.96 -15.93 22.19
C GLU A 144 -6.58 -16.12 21.54
N ALA A 145 -6.49 -15.92 20.23
CA ALA A 145 -5.26 -16.16 19.49
C ALA A 145 -4.70 -14.91 18.85
N VAL A 146 -5.56 -14.05 18.32
CA VAL A 146 -5.15 -12.85 17.60
C VAL A 146 -5.89 -11.67 18.22
N THR A 147 -5.25 -10.52 18.20
CA THR A 147 -5.86 -9.30 18.69
C THR A 147 -5.76 -8.24 17.61
N ILE A 148 -6.85 -7.48 17.45
CA ILE A 148 -6.98 -6.47 16.39
C ILE A 148 -7.58 -5.20 16.99
N ALA A 149 -7.09 -4.04 16.57
CA ALA A 149 -7.57 -2.74 17.00
C ALA A 149 -7.26 -1.75 15.90
N GLU A 150 -8.01 -0.65 15.86
CA GLU A 150 -7.89 0.30 14.76
C GLU A 150 -8.00 1.74 15.24
N VAL A 151 -7.16 2.61 14.67
CA VAL A 151 -7.25 4.05 14.92
C VAL A 151 -7.24 4.77 13.59
N LYS A 152 -7.73 6.01 13.59
CA LYS A 152 -7.79 6.77 12.35
C LYS A 152 -6.39 7.20 11.91
N LEU A 153 -6.12 7.06 10.61
CA LEU A 153 -4.83 7.46 10.02
C LEU A 153 -4.94 8.77 9.25
N TYR A 154 -5.76 8.81 8.20
CA TYR A 154 -6.13 10.04 7.51
C TYR A 154 -7.38 9.77 6.69
N GLY A 155 -8.19 10.82 6.48
CA GLY A 155 -9.46 10.63 5.80
C GLY A 155 -10.25 9.50 6.42
N ASP A 156 -10.72 8.57 5.60
CA ASP A 156 -11.39 7.37 6.11
C ASP A 156 -10.50 6.14 6.13
N VAL A 157 -9.18 6.31 6.12
CA VAL A 157 -8.22 5.22 6.23
C VAL A 157 -7.87 5.01 7.70
N VAL A 158 -7.82 3.76 8.14
CA VAL A 158 -7.44 3.45 9.50
C VAL A 158 -6.09 2.74 9.50
N LEU A 159 -5.32 2.95 10.57
CA LEU A 159 -4.17 2.13 10.87
C LEU A 159 -4.65 1.00 11.78
N ARG A 160 -4.43 -0.23 11.36
CA ARG A 160 -4.90 -1.42 12.06
C ARG A 160 -3.72 -2.13 12.70
N TYR A 161 -3.76 -2.32 14.02
CA TYR A 161 -2.75 -3.08 14.73
C TYR A 161 -3.19 -4.53 14.87
N VAL A 162 -2.27 -5.45 14.66
CA VAL A 162 -2.56 -6.87 14.82
C VAL A 162 -1.42 -7.51 15.60
N SER A 163 -1.75 -8.37 16.56
CA SER A 163 -0.74 -9.09 17.32
C SER A 163 -1.19 -10.53 17.53
N TYR A 164 -0.21 -11.41 17.69
CA TYR A 164 -0.44 -12.84 17.85
C TYR A 164 0.20 -13.34 19.14
N LYS A 165 -0.42 -14.33 19.77
CA LYS A 165 0.25 -15.06 20.83
C LYS A 165 1.21 -16.09 20.27
N ALA A 166 0.81 -16.77 19.19
CA ALA A 166 1.66 -17.78 18.55
C ALA A 166 2.55 -17.16 17.48
N GLU A 173 -4.46 -19.32 8.57
CA GLU A 173 -3.71 -18.81 9.72
C GLU A 173 -3.61 -17.29 9.67
N PHE A 174 -4.30 -16.68 8.71
CA PHE A 174 -4.32 -15.22 8.57
C PHE A 174 -5.00 -14.60 9.78
N LEU A 175 -6.31 -14.81 9.90
CA LEU A 175 -7.10 -14.41 11.04
C LEU A 175 -7.98 -15.58 11.44
N PRO A 176 -8.44 -15.62 12.68
CA PRO A 176 -9.48 -16.60 13.03
C PRO A 176 -10.75 -16.32 12.25
N GLY A 177 -11.38 -17.39 11.78
CA GLY A 177 -12.58 -17.28 10.97
C GLY A 177 -12.32 -17.31 9.48
N PHE A 178 -11.05 -17.24 9.07
CA PHE A 178 -10.67 -17.35 7.67
C PHE A 178 -10.28 -18.79 7.38
N GLU A 179 -10.74 -19.31 6.24
CA GLU A 179 -10.41 -20.65 5.83
C GLU A 179 -9.33 -20.61 4.77
N ARG A 180 -8.28 -21.40 4.96
CA ARG A 180 -7.22 -21.49 3.98
C ARG A 180 -7.75 -21.97 2.65
N VAL A 181 -7.26 -21.37 1.58
CA VAL A 181 -7.53 -21.83 0.23
C VAL A 181 -6.23 -22.48 -0.25
N GLU A 182 -6.24 -23.80 -0.40
CA GLU A 182 -5.17 -24.53 -1.07
C GLU A 182 -5.73 -25.49 -2.10
N ASP A 183 -6.96 -25.26 -2.54
CA ASP A 183 -7.66 -26.18 -3.43
C ASP A 183 -7.28 -25.97 -4.89
N ALA A 184 -8.27 -26.13 -5.78
CA ALA A 184 -8.03 -25.95 -7.21
C ALA A 184 -7.98 -24.48 -7.58
N SER A 185 -8.89 -23.66 -7.06
CA SER A 185 -8.91 -22.25 -7.40
C SER A 185 -7.68 -21.52 -6.89
N SER A 186 -6.97 -22.09 -5.92
CA SER A 186 -5.71 -21.52 -5.45
C SER A 186 -4.59 -21.89 -6.42
N PHE A 187 -4.62 -21.25 -7.60
CA PHE A 187 -3.53 -21.35 -8.57
C PHE A 187 -2.33 -20.56 -8.09
N PRO A 188 -1.03 -21.17 -8.10
CA PRO A 188 0.12 -20.49 -7.45
C PRO A 188 0.77 -19.45 -8.35
N LEU A 189 0.02 -18.40 -8.68
CA LEU A 189 0.57 -17.28 -9.42
C LEU A 189 1.69 -16.62 -8.62
N ASP A 190 2.72 -16.16 -9.31
CA ASP A 190 3.81 -15.45 -8.64
C ASP A 190 4.60 -14.72 -9.71
N TYR A 191 4.53 -13.40 -9.75
CA TYR A 191 5.34 -12.62 -10.68
C TYR A 191 6.53 -11.98 -10.00
N GLY A 192 6.84 -12.35 -8.75
CA GLY A 192 8.01 -11.85 -8.05
C GLY A 192 7.75 -10.84 -6.96
N ILE A 193 6.51 -10.36 -6.77
CA ILE A 193 6.31 -9.39 -5.71
C ILE A 193 6.44 -10.09 -4.35
N ARG A 194 7.05 -9.39 -3.38
CA ARG A 194 7.42 -10.05 -2.14
C ARG A 194 6.95 -9.34 -0.86
N ARG A 195 6.85 -8.02 -0.86
CA ARG A 195 6.38 -7.35 0.35
C ARG A 195 5.98 -5.90 0.03
N LEU A 196 5.29 -5.28 0.99
CA LEU A 196 4.93 -3.87 0.88
C LEU A 196 6.11 -3.00 1.32
N ASP A 197 6.54 -2.09 0.46
CA ASP A 197 7.67 -1.24 0.78
C ASP A 197 7.24 0.04 1.49
N HIS A 198 6.24 0.73 0.95
CA HIS A 198 5.66 1.90 1.60
C HIS A 198 4.24 2.14 1.10
N ALA A 199 3.48 2.89 1.90
CA ALA A 199 2.07 3.19 1.63
C ALA A 199 1.90 4.68 1.84
N VAL A 200 1.40 5.37 0.81
CA VAL A 200 1.45 6.82 0.74
C VAL A 200 0.04 7.40 0.84
N GLY A 201 -0.13 8.42 1.67
CA GLY A 201 -1.41 9.10 1.81
C GLY A 201 -1.35 10.49 1.19
N ASN A 202 -2.49 10.95 0.66
CA ASN A 202 -2.65 12.33 0.22
C ASN A 202 -3.61 13.03 1.18
N VAL A 203 -3.21 14.20 1.67
CA VAL A 203 -4.07 15.00 2.56
C VAL A 203 -4.13 16.42 2.05
N PRO A 204 -5.10 17.23 2.52
CA PRO A 204 -5.10 18.65 2.13
C PRO A 204 -3.98 19.45 2.79
N GLU A 205 -3.57 19.11 4.00
CA GLU A 205 -2.53 19.87 4.71
C GLU A 205 -1.55 18.92 5.37
N LEU A 206 -0.27 19.02 5.00
CA LEU A 206 0.73 18.04 5.43
C LEU A 206 1.06 18.17 6.92
N GLY A 207 1.29 19.39 7.40
CA GLY A 207 1.72 19.63 8.76
C GLY A 207 0.88 18.96 9.82
N PRO A 208 -0.42 19.28 9.84
CA PRO A 208 -1.30 18.63 10.84
C PRO A 208 -1.32 17.11 10.73
N ALA A 209 -1.36 16.57 9.50
CA ALA A 209 -1.33 15.12 9.35
C ALA A 209 -0.04 14.54 9.92
N LEU A 210 1.10 15.12 9.55
CA LEU A 210 2.38 14.64 10.07
C LEU A 210 2.40 14.72 11.59
N THR A 211 2.01 15.87 12.13
CA THR A 211 2.01 16.07 13.58
C THR A 211 1.12 15.03 14.27
N TYR A 212 -0.07 14.81 13.71
CA TYR A 212 -1.01 13.85 14.29
C TYR A 212 -0.43 12.45 14.33
N VAL A 213 0.03 11.95 13.19
CA VAL A 213 0.45 10.55 13.12
C VAL A 213 1.75 10.35 13.89
N ALA A 214 2.73 11.22 13.67
CA ALA A 214 3.98 11.09 14.42
C ALA A 214 3.73 11.24 15.92
N GLY A 215 2.73 12.04 16.29
CA GLY A 215 2.38 12.21 17.69
C GLY A 215 1.97 10.91 18.37
N PHE A 216 1.09 10.11 17.72
CA PHE A 216 0.60 8.91 18.39
C PHE A 216 1.42 7.65 18.12
N THR A 217 2.28 7.66 17.09
CA THR A 217 3.13 6.49 16.84
C THR A 217 4.51 6.61 17.45
N GLY A 218 5.05 7.82 17.50
CA GLY A 218 6.47 7.98 17.74
C GLY A 218 7.33 7.74 16.53
N PHE A 219 6.73 7.44 15.38
CA PHE A 219 7.50 7.31 14.15
C PHE A 219 8.27 8.59 13.90
N HIS A 220 9.50 8.44 13.42
CA HIS A 220 10.37 9.59 13.19
C HIS A 220 10.33 9.98 11.71
N GLN A 221 10.76 11.21 11.45
CA GLN A 221 10.89 11.65 10.07
C GLN A 221 12.07 10.95 9.41
N PHE A 222 11.83 10.44 8.21
CA PHE A 222 12.83 9.72 7.43
C PHE A 222 13.36 10.52 6.25
N ALA A 223 12.52 11.37 5.66
CA ALA A 223 12.87 12.15 4.47
C ALA A 223 11.80 13.21 4.30
N GLU A 224 12.04 14.10 3.33
CA GLU A 224 11.12 15.21 3.05
C GLU A 224 11.40 15.69 1.63
N PHE A 225 10.41 16.37 1.06
CA PHE A 225 10.54 16.86 -0.31
C PHE A 225 9.67 18.09 -0.49
N THR A 226 10.26 19.20 -0.92
CA THR A 226 9.49 20.42 -1.19
C THR A 226 9.91 21.04 -2.52
N GLU A 234 9.68 21.21 -7.86
CA GLU A 234 8.62 22.21 -7.80
C GLU A 234 7.53 21.90 -8.82
N SER A 235 6.95 20.71 -8.72
CA SER A 235 5.88 20.29 -9.63
C SER A 235 4.95 19.35 -8.86
N GLY A 236 4.01 19.93 -8.14
CA GLY A 236 2.88 19.15 -7.65
C GLY A 236 2.67 19.09 -6.15
N LEU A 237 3.70 18.77 -5.38
CA LEU A 237 3.46 18.27 -4.02
C LEU A 237 4.61 18.64 -3.09
N ASN A 238 4.31 18.54 -1.79
CA ASN A 238 5.30 18.42 -0.74
C ASN A 238 5.00 17.14 0.01
N SER A 239 6.03 16.42 0.44
CA SER A 239 5.81 15.17 1.14
C SER A 239 6.79 15.00 2.28
N ALA A 240 6.53 13.99 3.10
CA ALA A 240 7.41 13.63 4.20
C ALA A 240 7.08 12.20 4.61
N VAL A 241 8.09 11.52 5.16
CA VAL A 241 8.02 10.10 5.46
C VAL A 241 8.16 9.87 6.95
N LEU A 242 7.25 9.08 7.51
CA LEU A 242 7.34 8.58 8.87
C LEU A 242 7.81 7.13 8.85
N ALA A 243 8.69 6.77 9.78
CA ALA A 243 9.23 5.43 9.84
C ALA A 243 9.25 4.88 11.25
N SER A 244 9.10 3.56 11.36
CA SER A 244 9.31 2.85 12.60
C SER A 244 10.81 2.78 12.92
N ASN A 245 11.13 2.19 14.08
CA ASN A 245 12.51 2.22 14.59
C ASN A 245 13.50 1.62 13.60
N ASP A 246 13.19 0.43 13.07
CA ASP A 246 14.05 -0.19 12.06
C ASP A 246 13.76 0.31 10.66
N GLU A 247 12.82 1.25 10.51
CA GLU A 247 12.49 1.88 9.23
C GLU A 247 12.03 0.86 8.20
N MET A 248 11.34 -0.19 8.68
CA MET A 248 10.67 -1.15 7.82
C MET A 248 9.23 -0.76 7.52
N VAL A 249 8.59 -0.03 8.41
CA VAL A 249 7.28 0.56 8.15
C VAL A 249 7.51 2.01 7.73
N LEU A 250 7.14 2.33 6.48
CA LEU A 250 7.36 3.63 5.88
C LEU A 250 6.03 4.18 5.40
N LEU A 251 5.63 5.34 5.95
CA LEU A 251 4.35 5.98 5.68
C LEU A 251 4.57 7.41 5.18
N PRO A 252 4.84 7.60 3.90
CA PRO A 252 4.87 8.94 3.34
C PRO A 252 3.49 9.57 3.28
N ILE A 253 3.47 10.90 3.37
CA ILE A 253 2.25 11.69 3.27
C ILE A 253 2.54 12.87 2.37
N ASN A 254 1.63 13.13 1.43
CA ASN A 254 1.71 14.22 0.45
C ASN A 254 0.62 15.25 0.70
N GLU A 255 0.92 16.49 0.33
CA GLU A 255 -0.05 17.57 0.26
C GLU A 255 0.10 18.24 -1.10
N PRO A 256 -0.95 18.90 -1.59
CA PRO A 256 -0.84 19.62 -2.87
C PRO A 256 0.03 20.86 -2.73
N VAL A 257 0.63 21.25 -3.84
CA VAL A 257 1.33 22.52 -3.96
C VAL A 257 0.55 23.35 -4.97
N HIS A 258 -0.21 24.33 -4.48
CA HIS A 258 -1.02 25.18 -5.33
C HIS A 258 -0.20 26.33 -5.92
N LYS A 261 1.77 26.50 -13.18
CA LYS A 261 1.40 26.20 -14.56
C LYS A 261 0.31 25.14 -14.64
N ARG A 262 0.60 23.96 -14.10
CA ARG A 262 -0.30 22.83 -14.13
C ARG A 262 -1.04 22.66 -12.81
N LYS A 263 -2.06 21.81 -12.84
CA LYS A 263 -2.88 21.52 -11.67
C LYS A 263 -2.25 20.37 -10.88
N SER A 264 -2.17 20.52 -9.57
CA SER A 264 -1.56 19.51 -8.71
C SER A 264 -2.27 18.17 -8.85
N GLN A 265 -1.49 17.11 -9.09
CA GLN A 265 -2.08 15.78 -9.14
C GLN A 265 -2.60 15.35 -7.77
N ILE A 266 -2.02 15.88 -6.70
CA ILE A 266 -2.57 15.63 -5.37
C ILE A 266 -3.93 16.26 -5.24
N GLN A 267 -4.12 17.44 -5.85
CA GLN A 267 -5.42 18.09 -5.79
C GLN A 267 -6.45 17.34 -6.61
N THR A 268 -6.07 16.90 -7.82
CA THR A 268 -6.91 15.99 -8.60
C THR A 268 -7.33 14.79 -7.78
N TYR A 269 -6.38 14.16 -7.08
CA TYR A 269 -6.73 13.04 -6.19
C TYR A 269 -7.81 13.46 -5.19
N LEU A 270 -7.54 14.52 -4.44
CA LEU A 270 -8.45 14.93 -3.38
C LEU A 270 -9.86 15.20 -3.91
N GLU A 271 -9.96 15.79 -5.10
CA GLU A 271 -11.27 16.10 -5.67
C GLU A 271 -12.03 14.83 -6.06
N HIS A 272 -11.37 13.91 -6.77
CA HIS A 272 -12.05 12.71 -7.25
C HIS A 272 -12.27 11.68 -6.15
N ASN A 273 -11.43 11.67 -5.11
CA ASN A 273 -11.58 10.79 -3.96
C ASN A 273 -12.57 11.31 -2.94
N GLU A 274 -13.05 12.55 -3.09
CA GLU A 274 -13.79 13.25 -2.04
C GLU A 274 -12.98 13.33 -0.75
N GLY A 275 -11.72 13.74 -0.86
CA GLY A 275 -10.91 14.08 0.30
C GLY A 275 -9.71 13.17 0.46
N ALA A 276 -9.11 13.24 1.65
CA ALA A 276 -7.87 12.53 1.92
C ALA A 276 -8.06 11.01 1.84
N GLY A 277 -6.98 10.34 1.48
CA GLY A 277 -6.99 8.89 1.44
C GLY A 277 -5.66 8.36 0.95
N LEU A 278 -5.60 7.05 0.75
CA LEU A 278 -4.36 6.42 0.33
C LEU A 278 -4.15 6.61 -1.18
N GLN A 279 -2.97 7.15 -1.54
CA GLN A 279 -2.62 7.43 -2.94
C GLN A 279 -1.94 6.24 -3.64
N HIS A 280 -0.83 5.73 -3.09
CA HIS A 280 -0.22 4.59 -3.75
C HIS A 280 0.40 3.61 -2.76
N LEU A 281 0.42 2.36 -3.21
CA LEU A 281 1.08 1.25 -2.53
C LEU A 281 2.32 0.89 -3.35
N ALA A 282 3.49 0.91 -2.73
CA ALA A 282 4.71 0.51 -3.41
C ALA A 282 5.06 -0.92 -2.99
N LEU A 283 5.18 -1.80 -3.96
CA LEU A 283 5.31 -3.22 -3.72
C LEU A 283 6.70 -3.63 -4.14
N MET A 284 7.45 -4.23 -3.23
CA MET A 284 8.82 -4.67 -3.53
C MET A 284 8.79 -5.96 -4.32
N SER A 285 9.59 -6.00 -5.39
CA SER A 285 9.77 -7.18 -6.20
C SER A 285 11.19 -7.69 -6.01
N GLU A 286 11.36 -9.02 -5.99
CA GLU A 286 12.71 -9.58 -5.95
C GLU A 286 13.34 -9.61 -7.32
N ASP A 287 12.57 -9.27 -8.35
CA ASP A 287 13.09 -9.26 -9.72
C ASP A 287 12.12 -8.39 -10.54
N ILE A 288 12.35 -7.08 -10.50
CA ILE A 288 11.39 -6.15 -11.08
C ILE A 288 11.27 -6.37 -12.58
N PHE A 289 12.35 -6.82 -13.23
CA PHE A 289 12.25 -7.07 -14.67
C PHE A 289 11.30 -8.22 -14.96
N ARG A 290 11.36 -9.29 -14.17
CA ARG A 290 10.40 -10.37 -14.33
C ARG A 290 8.98 -9.92 -13.96
N THR A 291 8.84 -9.11 -12.92
CA THR A 291 7.50 -8.65 -12.53
C THR A 291 6.89 -7.81 -13.64
N LEU A 292 7.66 -6.89 -14.18
CA LEU A 292 7.11 -5.98 -15.18
C LEU A 292 6.86 -6.70 -16.50
N ARG A 293 7.66 -7.70 -16.85
CA ARG A 293 7.33 -8.49 -18.04
C ARG A 293 6.02 -9.23 -17.85
N GLU A 294 5.82 -9.84 -16.68
CA GLU A 294 4.58 -10.56 -16.44
C GLU A 294 3.40 -9.60 -16.41
N MET A 295 3.53 -8.49 -15.69
CA MET A 295 2.40 -7.56 -15.59
C MET A 295 2.08 -6.95 -16.95
N ARG A 296 3.10 -6.62 -17.74
CA ARG A 296 2.84 -5.97 -19.02
C ARG A 296 2.22 -6.93 -20.03
N LYS A 297 2.59 -8.21 -19.98
CA LYS A 297 1.93 -9.18 -20.85
C LYS A 297 0.44 -9.28 -20.57
N ARG A 298 -0.01 -8.87 -19.39
CA ARG A 298 -1.39 -9.03 -18.99
C ARG A 298 -2.20 -7.74 -18.97
N SER A 299 -1.56 -6.58 -19.22
CA SER A 299 -2.26 -5.30 -19.18
C SER A 299 -3.53 -5.30 -20.01
N SER A 300 -3.46 -5.83 -21.23
CA SER A 300 -4.58 -5.79 -22.17
C SER A 300 -5.52 -6.98 -22.05
N ILE A 301 -5.26 -7.89 -21.11
CA ILE A 301 -6.12 -9.06 -20.93
C ILE A 301 -6.52 -9.20 -19.46
N GLY A 302 -6.95 -8.11 -18.86
CA GLY A 302 -7.55 -8.12 -17.54
C GLY A 302 -6.64 -7.58 -16.46
N GLY A 303 -5.35 -7.36 -16.75
CA GLY A 303 -4.41 -6.90 -15.77
C GLY A 303 -4.40 -5.39 -15.59
N PHE A 304 -3.25 -4.86 -15.24
CA PHE A 304 -3.06 -3.44 -14.96
C PHE A 304 -2.33 -2.75 -16.09
N ASP A 305 -2.72 -1.52 -16.39
CA ASP A 305 -1.99 -0.71 -17.34
C ASP A 305 -0.92 0.10 -16.63
N PHE A 306 0.09 0.50 -17.38
CA PHE A 306 1.20 1.26 -16.81
C PHE A 306 1.19 2.68 -17.35
N MET A 307 1.71 3.60 -16.54
CA MET A 307 1.92 4.95 -17.00
C MET A 307 2.82 4.95 -18.23
N PRO A 308 2.66 5.93 -19.13
CA PRO A 308 3.48 5.93 -20.35
C PRO A 308 4.96 5.98 -20.04
N SER A 309 5.75 5.28 -20.86
CA SER A 309 7.17 5.16 -20.60
C SER A 309 7.87 6.50 -20.86
N PRO A 310 8.97 6.75 -20.17
CA PRO A 310 9.74 7.97 -20.43
C PRO A 310 10.37 7.92 -21.82
N PRO A 311 10.70 9.08 -22.39
CA PRO A 311 11.28 9.11 -23.75
C PRO A 311 12.60 8.37 -23.80
N PRO A 312 13.10 8.06 -25.00
CA PRO A 312 14.43 7.46 -25.11
C PRO A 312 15.53 8.30 -24.47
N THR A 313 15.38 9.62 -24.46
CA THR A 313 16.38 10.49 -23.86
C THR A 313 16.61 10.14 -22.39
N TYR A 314 15.55 9.76 -21.67
CA TYR A 314 15.70 9.37 -20.28
C TYR A 314 16.67 8.21 -20.14
N TYR A 315 16.61 7.25 -21.06
CA TYR A 315 17.46 6.07 -20.95
C TYR A 315 18.86 6.31 -21.50
N GLN A 316 19.04 7.37 -22.30
CA GLN A 316 20.39 7.76 -22.71
C GLN A 316 21.16 8.36 -21.55
N ASN A 317 20.49 9.16 -20.71
CA ASN A 317 21.13 9.69 -19.52
C ASN A 317 21.39 8.62 -18.46
N LEU A 318 20.95 7.39 -18.67
CA LEU A 318 21.03 6.37 -17.62
C LEU A 318 22.44 5.82 -17.48
N LYS A 319 23.12 5.55 -18.59
CA LYS A 319 24.48 5.00 -18.51
C LYS A 319 25.42 5.93 -17.75
N LYS A 320 25.16 7.24 -17.79
CA LYS A 320 25.99 8.23 -17.12
C LYS A 320 25.66 8.39 -15.65
N ARG A 321 24.56 7.81 -15.18
CA ARG A 321 24.20 7.91 -13.77
C ARG A 321 24.19 6.59 -13.03
N VAL A 322 23.95 5.46 -13.71
CA VAL A 322 23.92 4.17 -13.02
C VAL A 322 24.70 3.13 -13.80
N GLY A 323 25.51 3.58 -14.78
CA GLY A 323 26.31 2.67 -15.56
C GLY A 323 27.24 1.79 -14.75
N ASP A 324 27.60 2.22 -13.54
CA ASP A 324 28.39 1.42 -12.61
C ASP A 324 27.55 0.39 -11.87
N VAL A 325 26.23 0.59 -11.79
CA VAL A 325 25.33 -0.29 -11.06
C VAL A 325 24.66 -1.30 -11.98
N LEU A 326 24.25 -0.88 -13.18
CA LEU A 326 23.54 -1.74 -14.11
C LEU A 326 24.32 -1.85 -15.41
N SER A 327 24.39 -3.06 -15.95
CA SER A 327 25.06 -3.25 -17.23
C SER A 327 24.26 -2.62 -18.35
N ASP A 328 24.92 -2.47 -19.50
CA ASP A 328 24.22 -2.01 -20.70
C ASP A 328 23.00 -2.89 -20.98
N ASP A 329 23.10 -4.19 -20.68
CA ASP A 329 21.96 -5.08 -20.89
C ASP A 329 20.86 -4.82 -19.87
N GLN A 330 21.23 -4.61 -18.60
CA GLN A 330 20.24 -4.28 -17.60
C GLN A 330 19.59 -2.93 -17.91
N ILE A 331 20.37 -1.97 -18.42
CA ILE A 331 19.81 -0.67 -18.77
C ILE A 331 18.84 -0.79 -19.92
N LYS A 332 19.21 -1.53 -20.97
CA LYS A 332 18.33 -1.66 -22.13
C LYS A 332 17.03 -2.35 -21.75
N GLU A 333 17.08 -3.27 -20.78
CA GLU A 333 15.86 -3.92 -20.32
C GLU A 333 14.96 -2.96 -19.55
N CYS A 334 15.55 -1.99 -18.83
CA CYS A 334 14.75 -0.92 -18.24
C CYS A 334 13.97 -0.15 -19.29
N GLU A 335 14.61 0.10 -20.45
CA GLU A 335 13.96 0.88 -21.50
C GLU A 335 12.83 0.10 -22.16
N GLU A 336 13.02 -1.20 -22.41
CA GLU A 336 11.93 -2.02 -22.92
C GLU A 336 10.72 -1.96 -22.00
N LEU A 337 10.94 -1.99 -20.70
CA LEU A 337 9.87 -2.12 -19.72
C LEU A 337 9.36 -0.79 -19.17
N GLY A 338 9.99 0.33 -19.52
CA GLY A 338 9.56 1.62 -18.99
C GLY A 338 9.96 1.88 -17.56
N ILE A 339 10.93 1.15 -17.04
CA ILE A 339 11.34 1.24 -15.65
C ILE A 339 12.13 2.53 -15.43
N LEU A 340 11.85 3.19 -14.30
CA LEU A 340 12.58 4.37 -13.84
C LEU A 340 13.69 3.95 -12.88
N VAL A 341 14.77 4.73 -12.87
CA VAL A 341 15.92 4.47 -12.02
C VAL A 341 16.28 5.75 -11.28
N ASP A 342 16.51 5.64 -9.98
CA ASP A 342 17.03 6.75 -9.19
C ASP A 342 18.08 6.21 -8.23
N ARG A 343 18.80 7.14 -7.59
CA ARG A 343 19.98 6.79 -6.81
C ARG A 343 20.33 7.92 -5.87
N ASP A 344 20.54 7.61 -4.60
CA ASP A 344 21.07 8.58 -3.65
C ASP A 344 22.50 8.18 -3.28
N ASP A 345 22.96 8.63 -2.11
CA ASP A 345 24.33 8.34 -1.68
C ASP A 345 24.51 6.91 -1.21
N GLN A 346 23.43 6.19 -0.94
CA GLN A 346 23.50 4.87 -0.33
C GLN A 346 23.01 3.73 -1.22
N GLY A 347 21.99 3.95 -2.05
CA GLY A 347 21.47 2.87 -2.85
C GLY A 347 20.98 3.33 -4.21
N THR A 348 20.52 2.36 -5.00
CA THR A 348 19.88 2.59 -6.30
C THR A 348 18.46 2.03 -6.28
N LEU A 349 17.57 2.67 -7.02
CA LEU A 349 16.15 2.35 -6.99
C LEU A 349 15.62 2.14 -8.40
N LEU A 350 14.98 1.00 -8.62
CA LEU A 350 14.20 0.76 -9.83
C LEU A 350 12.72 0.90 -9.46
N GLN A 351 11.96 1.66 -10.25
CA GLN A 351 10.55 1.91 -9.94
C GLN A 351 9.74 2.09 -11.21
N ILE A 352 8.43 1.84 -11.08
CA ILE A 352 7.49 2.09 -12.17
C ILE A 352 6.11 2.20 -11.54
N PHE A 353 5.20 2.87 -12.24
CA PHE A 353 3.87 3.20 -11.72
C PHE A 353 2.79 2.69 -12.66
N THR A 354 1.76 2.08 -12.10
CA THR A 354 0.57 1.72 -12.85
C THR A 354 -0.31 2.96 -13.06
N LYS A 355 -1.20 2.86 -14.03
CA LYS A 355 -2.36 3.75 -14.09
C LYS A 355 -3.26 3.45 -12.88
N PRO A 356 -4.25 4.32 -12.61
CA PRO A 356 -5.13 4.07 -11.47
C PRO A 356 -5.76 2.68 -11.50
N LEU A 357 -5.97 2.11 -10.31
CA LEU A 357 -6.42 0.73 -10.20
C LEU A 357 -7.90 0.56 -10.53
N GLY A 358 -8.72 1.59 -10.32
CA GLY A 358 -10.14 1.49 -10.60
C GLY A 358 -10.66 2.64 -11.44
N ASP A 359 -11.97 2.96 -11.31
CA ASP A 359 -12.58 3.96 -12.18
C ASP A 359 -11.99 5.34 -11.96
N ARG A 360 -11.68 5.68 -10.72
CA ARG A 360 -11.31 7.05 -10.46
C ARG A 360 -9.80 7.23 -10.53
N PRO A 361 -9.32 8.53 -10.92
CA PRO A 361 -7.87 8.85 -10.92
C PRO A 361 -7.34 9.05 -9.51
N THR A 362 -7.45 8.02 -8.68
CA THR A 362 -7.07 8.12 -7.29
C THR A 362 -5.92 7.16 -6.97
N ILE A 363 -6.23 5.95 -6.52
CA ILE A 363 -5.18 5.07 -6.02
C ILE A 363 -4.47 4.39 -7.20
N PHE A 364 -3.16 4.19 -7.08
CA PHE A 364 -2.37 3.44 -8.06
C PHE A 364 -1.30 2.66 -7.31
N ILE A 365 -0.53 1.88 -8.05
CA ILE A 365 0.47 0.99 -7.49
C ILE A 365 1.83 1.33 -8.09
N GLU A 366 2.86 1.28 -7.26
CA GLU A 366 4.25 1.38 -7.68
C GLU A 366 4.91 0.03 -7.50
N ILE A 367 5.73 -0.39 -8.49
CA ILE A 367 6.60 -1.55 -8.31
C ILE A 367 8.00 -1.02 -8.11
N ILE A 368 8.72 -1.57 -7.13
CA ILE A 368 10.06 -1.10 -6.84
C ILE A 368 11.00 -2.25 -6.52
N GLN A 369 12.29 -1.99 -6.74
CA GLN A 369 13.33 -2.90 -6.29
C GLN A 369 14.53 -2.03 -5.94
N ARG A 370 15.13 -2.30 -4.79
CA ARG A 370 16.23 -1.49 -4.26
C ARG A 370 17.54 -2.28 -4.26
N VAL A 371 18.64 -1.59 -4.54
CA VAL A 371 19.97 -2.20 -4.61
C VAL A 371 20.89 -1.45 -3.66
N GLY A 372 21.49 -2.17 -2.71
CA GLY A 372 22.46 -1.57 -1.80
C GLY A 372 22.10 -1.66 -0.34
N CYS A 373 22.74 -0.83 0.49
CA CYS A 373 22.50 -0.75 1.94
C CYS A 373 22.39 -2.12 2.59
N MET A 374 23.39 -2.96 2.34
CA MET A 374 23.43 -4.27 2.98
C MET A 374 24.21 -4.19 4.29
N MET A 375 23.72 -4.89 5.30
CA MET A 375 24.29 -4.82 6.64
C MET A 375 24.48 -6.21 7.22
N TYR A 383 20.71 -8.54 5.39
CA TYR A 383 19.45 -7.83 5.19
C TYR A 383 19.71 -6.44 4.60
N GLN A 384 18.68 -5.86 3.99
CA GLN A 384 18.76 -4.53 3.40
C GLN A 384 18.03 -3.52 4.29
N SER A 385 18.59 -2.32 4.40
CA SER A 385 17.99 -1.29 5.23
C SER A 385 16.80 -0.64 4.51
N GLY A 386 15.79 -0.27 5.28
CA GLY A 386 14.58 0.29 4.69
C GLY A 386 14.85 1.60 3.97
N GLY A 387 14.11 1.80 2.88
CA GLY A 387 14.25 3.03 2.11
C GLY A 387 15.53 3.17 1.33
N CYS A 388 16.30 2.09 1.21
CA CYS A 388 17.59 2.11 0.50
C CYS A 388 17.46 2.68 -0.90
N GLY A 389 18.01 3.88 -1.12
CA GLY A 389 17.94 4.54 -2.40
C GLY A 389 16.90 5.62 -2.48
N GLY A 390 16.10 5.80 -1.44
CA GLY A 390 15.09 6.83 -1.41
C GLY A 390 13.78 6.38 -2.04
N PHE A 391 13.08 7.34 -2.66
CA PHE A 391 11.74 7.10 -3.16
C PHE A 391 11.57 7.61 -4.59
N GLY A 392 12.66 8.00 -5.24
CA GLY A 392 12.62 8.39 -6.63
C GLY A 392 12.26 9.83 -6.87
N LYS A 393 12.45 10.70 -5.87
CA LYS A 393 12.17 12.11 -6.08
C LYS A 393 13.01 12.71 -7.20
N GLY A 394 14.22 12.18 -7.41
CA GLY A 394 15.07 12.65 -8.49
C GLY A 394 14.51 12.41 -9.86
N ASN A 395 13.55 11.49 -9.98
CA ASN A 395 12.95 11.18 -11.27
C ASN A 395 11.95 12.22 -11.73
N PHE A 396 11.40 13.03 -10.82
CA PHE A 396 10.53 14.12 -11.24
C PHE A 396 11.27 15.09 -12.16
N SER A 397 12.43 15.58 -11.70
CA SER A 397 13.22 16.50 -12.52
C SER A 397 13.91 15.75 -13.66
N GLU A 398 14.40 14.54 -13.40
CA GLU A 398 15.00 13.74 -14.45
C GLU A 398 13.99 13.42 -15.55
N LEU A 399 12.70 13.39 -15.21
CA LEU A 399 11.68 13.19 -16.23
C LEU A 399 11.33 14.49 -16.94
N PHE A 400 11.27 15.60 -16.20
CA PHE A 400 10.94 16.87 -16.81
C PHE A 400 12.00 17.28 -17.83
N LYS A 401 13.28 17.04 -17.53
CA LYS A 401 14.32 17.44 -18.46
C LYS A 401 14.40 16.49 -19.66
N SER A 402 14.34 15.18 -19.41
CA SER A 402 14.44 14.22 -20.50
C SER A 402 13.25 14.30 -21.44
N ILE A 403 12.12 14.81 -20.97
CA ILE A 403 10.98 15.06 -21.85
C ILE A 403 11.28 16.25 -22.76
N GLU A 404 11.78 17.34 -22.19
CA GLU A 404 12.15 18.48 -23.01
C GLU A 404 13.32 18.18 -23.92
N GLU A 405 14.17 17.21 -23.53
CA GLU A 405 15.30 16.85 -24.37
C GLU A 405 14.86 16.03 -25.60
N TYR A 406 13.74 15.31 -25.49
CA TYR A 406 13.24 14.53 -26.62
C TYR A 406 12.37 15.35 -27.58
N GLU A 407 11.70 16.39 -27.07
CA GLU A 407 10.98 17.31 -27.96
C GLU A 407 11.90 17.89 -29.01
N LYS A 408 13.18 18.08 -28.68
CA LYS A 408 14.18 18.52 -29.65
C LYS A 408 14.44 17.45 -30.70
CO CO B . 6.52 5.71 -3.81
C10 WHO C . 6.93 8.35 -5.62
C15 WHO C . 7.68 9.06 -1.16
C17 WHO C . 8.17 9.70 0.13
C21 WHO C . 1.65 8.92 -11.05
C22 WHO C . 0.84 7.83 -11.74
C01 WHO C . 7.05 8.81 -7.05
C02 WHO C . 8.39 8.83 -7.65
C03 WHO C . 8.54 9.22 -9.03
C04 WHO C . 7.31 9.63 -9.82
N05 WHO C . 5.90 9.60 -9.18
C06 WHO C . 5.77 9.21 -7.87
C07 WHO C . 4.63 9.88 -9.63
N08 WHO C . 3.77 9.69 -8.61
N09 WHO C . 4.48 9.27 -7.51
N11 WHO C . 7.33 9.27 -4.62
C12 WHO C . 7.30 8.88 -3.25
N13 WHO C . 6.88 7.75 -2.69
N14 WHO C . 7.12 7.88 -1.35
O16 WHO C . 7.82 9.67 -2.33
C18 WHO C . 4.20 10.36 -11.01
S19 WHO C . 3.30 9.01 -11.81
O20 WHO C . 6.58 7.25 -5.34
C23 WHO C . 7.57 10.01 -11.27
F24 WHO C . 7.19 11.29 -11.49
F25 WHO C . 8.91 9.86 -11.51
F26 WHO C . 6.91 9.14 -12.07
#